data_5EGO
#
_entry.id   5EGO
#
_cell.length_a   40.976
_cell.length_b   51.480
_cell.length_c   113.575
_cell.angle_alpha   90.000
_cell.angle_beta   90.000
_cell.angle_gamma   90.000
#
_symmetry.space_group_name_H-M   'P 21 21 21'
#
loop_
_entity.id
_entity.type
_entity.pdbx_description
1 polymer 'Homeobox protein Meis1'
2 polymer "DNA (5'-D(P*GP*TP*TP*GP*AP*CP*AP*GP*TP*TP*TP*TP*AP*(5CM)P*GP*AP*GP*G)-3')"
3 polymer "DNA (5'-D(*CP*CP*TP*(5CM)P*GP*TP*AP*AP*AP*AP*CP*TP*GP*TP*CP*AP*AP*C)-3')"
4 polymer 'Homeobox protein Hox-B13'
5 water water
#
loop_
_entity_poly.entity_id
_entity_poly.type
_entity_poly.pdbx_seq_one_letter_code
_entity_poly.pdbx_strand_id
1 'polypeptide(L)' AFPKVATNIMRAWLFQHLTHPYPSEEQKKQLAQDTGLTILQVNNWFINARRRIVQPM A
2 'polydeoxyribonucleotide' (DG)(DT)(DT)(DG)(DA)(DC)(DA)(DG)(DT)(DT)(DT)(DT)(DA)(5CM)(DG)(DA)(DG)(DG) D
3 'polydeoxyribonucleotide' (DC)(DC)(DT)(5CM)(DG)(DT)(DA)(DA)(DA)(DA)(DC)(DT)(DG)(DT)(DC)(DA)(DA)(DC) E
4 'polypeptide(L)' RKKRIPYSKGQLRELEREYAANKFITKDKRRKISAATSLSERQITIWFQNRRVKEKKVLAKVK B
#
# COMPACT_ATOMS: atom_id res chain seq x y z
N ALA A 1 -21.05 18.51 -2.31
CA ALA A 1 -21.21 17.09 -2.63
C ALA A 1 -20.85 16.80 -4.08
N PHE A 2 -20.14 15.69 -4.30
CA PHE A 2 -20.04 15.12 -5.63
C PHE A 2 -21.44 14.77 -6.10
N PRO A 3 -21.62 14.60 -7.43
CA PRO A 3 -22.89 14.01 -7.87
C PRO A 3 -23.03 12.59 -7.32
N LYS A 4 -24.23 12.25 -6.86
CA LYS A 4 -24.47 10.97 -6.20
C LYS A 4 -24.15 9.76 -7.08
N VAL A 5 -24.27 9.91 -8.40
CA VAL A 5 -23.99 8.80 -9.30
C VAL A 5 -22.48 8.51 -9.33
N ALA A 6 -21.67 9.54 -9.21
CA ALA A 6 -20.21 9.38 -9.19
C ALA A 6 -19.76 8.64 -7.94
N THR A 7 -20.37 8.98 -6.80
CA THR A 7 -20.15 8.29 -5.54
C THR A 7 -20.46 6.79 -5.62
N ASN A 8 -21.69 6.49 -6.03
CA ASN A 8 -22.18 5.11 -6.10
C ASN A 8 -21.25 4.18 -6.87
N ILE A 9 -20.77 4.68 -8.01
CA ILE A 9 -19.89 3.94 -8.88
C ILE A 9 -18.61 3.54 -8.17
N MET A 10 -17.97 4.53 -7.56
CA MET A 10 -16.68 4.35 -6.90
C MET A 10 -16.82 3.51 -5.64
N ARG A 11 -17.93 3.69 -4.95
CA ARG A 11 -18.22 2.91 -3.76
C ARG A 11 -18.45 1.45 -4.15
N ALA A 12 -19.20 1.24 -5.22
CA ALA A 12 -19.42 -0.11 -5.75
C ALA A 12 -18.10 -0.74 -6.18
N TRP A 13 -17.18 0.06 -6.71
CA TRP A 13 -15.85 -0.45 -7.02
C TRP A 13 -15.12 -0.81 -5.73
N LEU A 14 -15.14 0.14 -4.79
CA LEU A 14 -14.45 0.02 -3.52
C LEU A 14 -14.79 -1.28 -2.78
N PHE A 15 -16.09 -1.58 -2.73
CA PHE A 15 -16.59 -2.74 -1.99
C PHE A 15 -16.35 -4.05 -2.73
N GLN A 16 -16.25 -3.94 -4.05
CA GLN A 16 -15.96 -5.09 -4.90
C GLN A 16 -14.53 -5.56 -4.70
N HIS A 17 -13.67 -4.62 -4.31
CA HIS A 17 -12.23 -4.86 -4.19
C HIS A 17 -11.74 -4.57 -2.77
N LEU A 18 -12.55 -4.92 -1.78
CA LEU A 18 -12.25 -4.59 -0.38
C LEU A 18 -10.88 -5.10 0.09
N THR A 19 -10.53 -6.32 -0.31
CA THR A 19 -9.29 -6.93 0.18
C THR A 19 -8.03 -6.32 -0.44
N HIS A 20 -8.20 -5.64 -1.57
CA HIS A 20 -7.13 -4.82 -2.13
C HIS A 20 -7.70 -3.63 -2.88
N PRO A 21 -8.13 -2.60 -2.14
CA PRO A 21 -8.88 -1.48 -2.72
C PRO A 21 -7.96 -0.41 -3.31
N TYR A 22 -7.19 -0.81 -4.31
CA TYR A 22 -6.25 0.08 -4.99
C TYR A 22 -6.40 -0.04 -6.51
N PRO A 23 -7.13 0.88 -7.15
CA PRO A 23 -7.28 0.78 -8.60
C PRO A 23 -5.97 0.95 -9.37
N SER A 24 -5.82 0.19 -10.45
CA SER A 24 -4.70 0.39 -11.39
C SER A 24 -4.87 1.74 -12.06
N GLU A 25 -3.80 2.26 -12.64
CA GLU A 25 -3.86 3.54 -13.37
C GLU A 25 -4.93 3.49 -14.46
N GLU A 26 -4.99 2.39 -15.20
CA GLU A 26 -6.03 2.20 -16.21
C GLU A 26 -7.42 2.24 -15.60
N GLN A 27 -7.59 1.56 -14.47
CA GLN A 27 -8.88 1.54 -13.80
C GLN A 27 -9.30 2.94 -13.36
N LYS A 28 -8.33 3.76 -12.97
CA LYS A 28 -8.60 5.15 -12.61
C LYS A 28 -9.07 5.99 -13.82
N LYS A 29 -8.49 5.74 -14.99
CA LYS A 29 -8.96 6.39 -16.22
C LYS A 29 -10.45 6.11 -16.37
N GLN A 30 -10.82 4.86 -16.16
CA GLN A 30 -12.17 4.38 -16.39
C GLN A 30 -13.18 4.92 -15.37
N LEU A 31 -12.81 4.91 -14.09
CA LEU A 31 -13.72 5.40 -13.06
C LEU A 31 -13.91 6.90 -13.23
N ALA A 32 -12.86 7.61 -13.61
CA ALA A 32 -12.93 9.05 -13.84
C ALA A 32 -13.78 9.35 -15.06
N GLN A 33 -13.74 8.46 -16.04
CA GLN A 33 -14.61 8.57 -17.22
C GLN A 33 -16.07 8.42 -16.80
N ASP A 34 -16.39 7.28 -16.21
CA ASP A 34 -17.77 6.96 -15.82
C ASP A 34 -18.37 7.97 -14.85
N THR A 35 -17.53 8.57 -14.02
CA THR A 35 -18.00 9.51 -12.99
C THR A 35 -18.02 10.95 -13.47
N GLY A 36 -17.16 11.29 -14.43
CA GLY A 36 -16.97 12.66 -14.85
C GLY A 36 -16.12 13.45 -13.88
N LEU A 37 -15.57 12.78 -12.87
CA LEU A 37 -14.61 13.40 -11.97
C LEU A 37 -13.22 13.36 -12.59
N THR A 38 -12.29 14.15 -12.07
CA THR A 38 -10.92 14.14 -12.59
C THR A 38 -10.10 13.06 -11.90
N ILE A 39 -8.95 12.73 -12.48
CA ILE A 39 -8.12 11.64 -11.98
C ILE A 39 -7.62 11.96 -10.57
N LEU A 40 -7.32 13.22 -10.31
CA LEU A 40 -6.96 13.68 -8.97
C LEU A 40 -8.11 13.40 -8.01
N GLN A 41 -9.32 13.80 -8.43
CA GLN A 41 -10.51 13.64 -7.61
C GLN A 41 -10.78 12.18 -7.30
N VAL A 42 -10.56 11.31 -8.28
CA VAL A 42 -10.75 9.88 -8.05
C VAL A 42 -9.71 9.39 -7.06
N ASN A 43 -8.46 9.80 -7.26
CA ASN A 43 -7.38 9.44 -6.34
C ASN A 43 -7.64 9.92 -4.91
N ASN A 44 -8.04 11.17 -4.75
CA ASN A 44 -8.38 11.69 -3.42
C ASN A 44 -9.57 10.94 -2.82
N TRP A 45 -10.53 10.53 -3.65
CA TRP A 45 -11.68 9.81 -3.15
C TRP A 45 -11.25 8.49 -2.51
N PHE A 46 -10.41 7.74 -3.20
CA PHE A 46 -9.98 6.43 -2.70
C PHE A 46 -9.02 6.56 -1.52
N ILE A 47 -8.22 7.62 -1.50
CA ILE A 47 -7.41 7.91 -0.33
C ILE A 47 -8.31 8.12 0.87
N ASN A 48 -9.27 9.03 0.75
CA ASN A 48 -10.19 9.31 1.83
C ASN A 48 -11.07 8.12 2.15
N ALA A 49 -11.44 7.34 1.13
CA ALA A 49 -12.30 6.18 1.34
C ALA A 49 -11.57 5.09 2.11
N ARG A 50 -10.31 4.85 1.77
CA ARG A 50 -9.56 3.79 2.41
C ARG A 50 -9.45 3.98 3.93
N ARG A 51 -9.22 5.21 4.39
CA ARG A 51 -9.16 5.45 5.83
C ARG A 51 -10.54 5.69 6.46
N ARG A 52 -11.54 6.11 5.66
CA ARG A 52 -12.86 6.39 6.23
C ARG A 52 -13.86 5.22 6.15
N ILE A 53 -13.60 4.23 5.30
CA ILE A 53 -14.52 3.10 5.16
C ILE A 53 -13.85 1.74 5.36
N VAL A 54 -12.68 1.56 4.77
CA VAL A 54 -12.04 0.24 4.77
C VAL A 54 -11.45 -0.14 6.14
N GLN A 55 -10.56 0.68 6.67
CA GLN A 55 -9.83 0.34 7.90
C GLN A 55 -10.71 -0.06 9.09
N PRO A 56 -11.89 0.54 9.24
CA PRO A 56 -12.79 0.05 10.30
C PRO A 56 -13.21 -1.41 10.13
N MET A 57 -13.27 -1.89 8.89
CA MET A 57 -13.50 -3.31 8.64
C MET A 57 -12.20 -4.08 8.79
N ARG D 1 7.87 2.51 -15.32
CA ARG D 1 7.96 1.67 -14.13
C ARG D 1 6.60 1.12 -13.76
N LYS D 2 6.59 -0.12 -13.24
CA LYS D 2 5.37 -0.77 -12.78
C LYS D 2 4.99 -0.28 -11.38
N LYS D 3 3.84 0.38 -11.30
CA LYS D 3 3.28 1.02 -10.11
C LYS D 3 3.57 0.34 -8.76
N ARG D 4 3.93 1.16 -7.76
CA ARG D 4 4.23 0.65 -6.41
C ARG D 4 2.98 0.11 -5.71
N ILE D 5 3.20 -0.80 -4.77
CA ILE D 5 2.13 -1.52 -4.09
C ILE D 5 2.35 -1.49 -2.58
N PRO D 6 1.46 -0.80 -1.83
CA PRO D 6 1.64 -0.85 -0.37
C PRO D 6 1.48 -2.26 0.17
N TYR D 7 2.34 -2.63 1.12
CA TYR D 7 2.29 -3.97 1.70
C TYR D 7 1.23 -4.05 2.79
N SER D 8 0.64 -5.23 2.95
CA SER D 8 -0.36 -5.47 3.99
C SER D 8 0.25 -5.22 5.36
N LYS D 9 -0.59 -5.04 6.37
CA LYS D 9 -0.07 -4.86 7.72
C LYS D 9 0.44 -6.20 8.26
N GLY D 10 -0.15 -7.30 7.79
CA GLY D 10 0.37 -8.61 8.10
C GLY D 10 1.79 -8.78 7.59
N GLN D 11 2.05 -8.35 6.36
CA GLN D 11 3.40 -8.39 5.79
C GLN D 11 4.37 -7.52 6.58
N LEU D 12 4.04 -6.24 6.68
CA LEU D 12 4.89 -5.28 7.39
C LEU D 12 5.23 -5.77 8.77
N ARG D 13 4.22 -6.33 9.44
CA ARG D 13 4.39 -6.83 10.80
C ARG D 13 5.51 -7.88 10.83
N GLU D 14 5.56 -8.71 9.80
CA GLU D 14 6.57 -9.76 9.72
C GLU D 14 7.97 -9.16 9.59
N LEU D 15 8.16 -8.31 8.60
CA LEU D 15 9.45 -7.66 8.37
C LEU D 15 10.00 -7.07 9.67
N GLU D 16 9.33 -6.03 10.17
CA GLU D 16 9.75 -5.38 11.40
C GLU D 16 10.13 -6.39 12.48
N ARG D 17 9.38 -7.49 12.53
CA ARG D 17 9.63 -8.53 13.51
C ARG D 17 11.06 -9.04 13.33
N GLU D 18 11.45 -9.30 12.10
CA GLU D 18 12.79 -9.78 11.78
C GLU D 18 13.81 -8.63 11.80
N TYR D 19 13.42 -7.46 11.30
CA TYR D 19 14.31 -6.29 11.30
C TYR D 19 14.73 -5.93 12.73
N ALA D 20 13.85 -6.17 13.69
CA ALA D 20 14.15 -5.90 15.08
C ALA D 20 15.18 -6.88 15.61
N ALA D 21 15.30 -8.05 14.97
CA ALA D 21 16.27 -9.05 15.38
C ALA D 21 17.65 -8.74 14.80
N ASN D 22 17.75 -8.54 13.49
CA ASN D 22 18.89 -7.80 12.96
C ASN D 22 18.56 -7.06 11.65
N LYS D 23 19.26 -5.95 11.49
CA LYS D 23 18.93 -4.92 10.52
C LYS D 23 19.38 -5.25 9.10
N PHE D 24 20.23 -6.26 8.98
CA PHE D 24 20.60 -6.82 7.69
C PHE D 24 20.11 -8.26 7.64
N ILE D 25 19.53 -8.65 6.51
CA ILE D 25 18.89 -9.95 6.36
C ILE D 25 19.87 -10.98 5.78
N THR D 26 19.78 -12.22 6.26
CA THR D 26 20.60 -13.30 5.73
C THR D 26 19.87 -13.98 4.58
N LYS D 27 20.57 -14.80 3.81
CA LYS D 27 19.96 -15.42 2.65
C LYS D 27 18.89 -16.46 3.04
N ASP D 28 19.09 -17.16 4.16
CA ASP D 28 18.10 -18.13 4.59
C ASP D 28 16.80 -17.45 5.06
N LYS D 29 16.94 -16.39 5.87
CA LYS D 29 15.76 -15.70 6.37
C LYS D 29 15.05 -14.96 5.24
N ARG D 30 15.81 -14.43 4.29
CA ARG D 30 15.24 -13.81 3.10
C ARG D 30 14.30 -14.79 2.39
N ARG D 31 14.68 -16.06 2.36
CA ARG D 31 13.83 -17.08 1.76
C ARG D 31 12.57 -17.35 2.60
N LYS D 32 12.74 -17.49 3.91
CA LYS D 32 11.60 -17.77 4.78
C LYS D 32 10.63 -16.60 4.79
N ILE D 33 11.15 -15.38 4.88
CA ILE D 33 10.34 -14.18 4.76
C ILE D 33 9.56 -14.18 3.44
N SER D 34 10.26 -14.49 2.35
CA SER D 34 9.66 -14.47 1.02
C SER D 34 8.50 -15.47 0.93
N ALA D 35 8.69 -16.64 1.52
CA ALA D 35 7.63 -17.64 1.59
C ALA D 35 6.50 -17.15 2.49
N ALA D 36 6.87 -16.61 3.64
CA ALA D 36 5.91 -16.14 4.63
C ALA D 36 5.03 -15.02 4.09
N THR D 37 5.65 -14.05 3.45
CA THR D 37 4.97 -12.81 3.05
C THR D 37 4.30 -12.86 1.69
N SER D 38 4.73 -13.79 0.85
CA SER D 38 4.30 -13.86 -0.55
C SER D 38 5.01 -12.80 -1.38
N LEU D 39 6.17 -12.36 -0.89
CA LEU D 39 6.93 -11.30 -1.53
C LEU D 39 8.23 -11.81 -2.16
N SER D 40 8.65 -11.19 -3.26
CA SER D 40 9.90 -11.56 -3.91
C SER D 40 11.09 -11.25 -3.03
N GLU D 41 12.10 -12.11 -3.10
CA GLU D 41 13.36 -11.91 -2.41
C GLU D 41 13.92 -10.52 -2.67
N ARG D 42 13.76 -10.03 -3.90
CA ARG D 42 14.20 -8.67 -4.25
C ARG D 42 13.45 -7.63 -3.44
N GLN D 43 12.13 -7.76 -3.39
CA GLN D 43 11.28 -6.82 -2.68
C GLN D 43 11.69 -6.63 -1.22
N ILE D 44 12.15 -7.70 -0.59
CA ILE D 44 12.52 -7.65 0.83
C ILE D 44 13.97 -7.18 1.02
N THR D 45 14.81 -7.45 0.03
CA THR D 45 16.15 -6.88 0.01
C THR D 45 16.02 -5.36 0.01
N ILE D 46 15.15 -4.87 -0.85
CA ILE D 46 14.93 -3.44 -1.00
C ILE D 46 14.19 -2.86 0.21
N TRP D 47 13.23 -3.61 0.74
CA TRP D 47 12.52 -3.16 1.94
C TRP D 47 13.50 -2.93 3.09
N PHE D 48 14.41 -3.86 3.31
CA PHE D 48 15.39 -3.72 4.37
C PHE D 48 16.34 -2.55 4.09
N GLN D 49 16.72 -2.37 2.83
CA GLN D 49 17.54 -1.23 2.44
C GLN D 49 16.83 0.07 2.81
N ASN D 50 15.54 0.16 2.47
CA ASN D 50 14.76 1.34 2.76
C ASN D 50 14.43 1.47 4.25
N ARG D 51 14.36 0.34 4.95
CA ARG D 51 14.05 0.37 6.38
C ARG D 51 15.20 0.99 7.16
N ARG D 52 16.42 0.57 6.85
CA ARG D 52 17.61 1.14 7.49
C ARG D 52 17.74 2.63 7.19
N VAL D 53 17.32 3.04 5.99
CA VAL D 53 17.34 4.45 5.61
C VAL D 53 16.52 5.25 6.60
N LYS D 54 15.32 4.74 6.89
CA LYS D 54 14.40 5.36 7.83
C LYS D 54 14.99 5.45 9.24
N GLU D 55 15.59 4.36 9.70
CA GLU D 55 16.17 4.34 11.05
C GLU D 55 17.32 5.33 11.17
N LYS D 56 18.11 5.45 10.11
CA LYS D 56 19.25 6.36 10.11
C LYS D 56 18.82 7.82 10.21
N LYS D 57 17.58 8.11 9.82
CA LYS D 57 17.05 9.47 9.93
C LYS D 57 16.05 9.57 11.08
N VAL D 58 16.05 8.58 11.97
CA VAL D 58 15.42 8.74 13.27
C VAL D 58 16.53 9.10 14.25
N LEU D 59 17.77 9.11 13.75
CA LEU D 59 18.85 9.86 14.39
C LEU D 59 18.44 11.32 14.25
N ALA D 60 17.60 11.74 15.19
CA ALA D 60 17.06 13.08 15.27
C ALA D 60 16.23 13.13 16.54
N LYS D 61 16.83 13.18 17.74
CA LYS D 61 18.21 13.57 18.06
C LYS D 61 18.45 15.05 17.71
N VAL D 62 18.81 15.80 18.75
CA VAL D 62 18.72 17.27 18.76
C VAL D 62 17.34 17.69 18.21
N LYS D 63 16.30 17.21 18.89
CA LYS D 63 14.93 17.67 18.63
C LYS D 63 14.11 17.57 19.91
#